data_7LZQ
#
_entry.id   7LZQ
#
_cell.length_a   30.412
_cell.length_b   71.626
_cell.length_c   54.937
_cell.angle_alpha   90.000
_cell.angle_beta   104.782
_cell.angle_gamma   90.000
#
_symmetry.space_group_name_H-M   'C 1 2 1'
#
loop_
_entity.id
_entity.type
_entity.pdbx_description
1 polymer 'B-cell lymphoma 6 protein'
2 non-polymer N-(3-chloropyridin-4-yl)-2-(5-methyl-4-oxo-4,5-dihydro-1H-pyrrolo[3,2-c]pyridin-1-yl)acetamide
3 non-polymer 'DIMETHYL SULFOXIDE'
4 water water
#
_entity_poly.entity_id   1
_entity_poly.type   'polypeptide(L)'
_entity_poly.pdbx_seq_one_letter_code
;MASPADSQIQFTRHASDVLLNLNRLRSRDILTDVVIVVSREQFRAHKTVLMACSGLFYSIFTDQLKRNLSVINLDPEINP
EGFNILLDFMYTSRLNLREGNIMAVMATAMYLQMEHVVDTCRKFIKASE
;
_entity_poly.pdbx_strand_id   A
#
# COMPACT_ATOMS: atom_id res chain seq x y z
N MET A 1 -22.56 -1.80 29.79
CA MET A 1 -22.91 -0.47 29.32
C MET A 1 -22.16 -0.21 28.07
N ALA A 2 -22.91 -0.03 26.97
CA ALA A 2 -22.26 0.13 25.72
C ALA A 2 -23.02 0.97 24.73
N SER A 3 -22.33 1.35 23.67
CA SER A 3 -22.89 2.14 22.58
C SER A 3 -22.36 1.59 21.27
N PRO A 4 -23.13 0.74 20.60
CA PRO A 4 -22.78 0.12 19.32
C PRO A 4 -22.32 1.15 18.30
N ALA A 5 -21.21 0.88 17.61
CA ALA A 5 -20.63 1.84 16.61
C ALA A 5 -21.71 2.30 15.62
N ASP A 6 -22.76 1.48 15.41
CA ASP A 6 -23.81 1.70 14.37
C ASP A 6 -24.78 2.83 14.79
N SER A 7 -24.95 3.09 16.09
CA SER A 7 -25.86 4.12 16.68
C SER A 7 -25.12 5.46 16.95
N GLN A 8 -23.85 5.51 16.60
CA GLN A 8 -22.91 6.61 16.96
C GLN A 8 -22.90 7.66 15.83
N ILE A 9 -22.39 8.86 16.15
CA ILE A 9 -22.28 9.94 15.13
C ILE A 9 -21.16 9.59 14.17
N GLN A 10 -21.49 9.56 12.87
CA GLN A 10 -20.54 9.26 11.77
C GLN A 10 -19.93 10.56 11.27
N PHE A 11 -18.60 10.61 11.26
CA PHE A 11 -17.75 11.66 10.65
C PHE A 11 -17.31 11.15 9.27
N THR A 12 -17.94 11.70 8.23
CA THR A 12 -17.86 11.11 6.86
C THR A 12 -16.49 11.36 6.25
N ARG A 13 -15.69 12.30 6.77
CA ARG A 13 -14.37 12.65 6.17
C ARG A 13 -13.24 12.21 7.12
N HIS A 14 -13.55 11.63 8.28
CA HIS A 14 -12.54 11.31 9.30
C HIS A 14 -11.49 10.33 8.71
N ALA A 15 -11.91 9.25 8.05
CA ALA A 15 -10.96 8.21 7.61
C ALA A 15 -10.01 8.79 6.54
N SER A 16 -10.58 9.55 5.63
CA SER A 16 -9.82 10.23 4.53
C SER A 16 -8.85 11.26 5.13
N ASP A 17 -9.26 11.99 6.16
CA ASP A 17 -8.39 12.98 6.86
C ASP A 17 -7.25 12.22 7.56
N VAL A 18 -7.52 11.11 8.23
CA VAL A 18 -6.46 10.29 8.88
C VAL A 18 -5.43 9.89 7.80
N LEU A 19 -5.90 9.37 6.68
CA LEU A 19 -4.98 8.82 5.65
C LEU A 19 -4.14 9.95 5.06
N LEU A 20 -4.73 11.12 4.82
CA LEU A 20 -3.98 12.29 4.31
C LEU A 20 -2.91 12.65 5.36
N ASN A 21 -3.25 12.67 6.64
CA ASN A 21 -2.24 13.02 7.68
C ASN A 21 -1.14 11.95 7.80
N LEU A 22 -1.47 10.66 7.62
CA LEU A 22 -0.45 9.59 7.60
C LEU A 22 0.50 9.81 6.42
N ASN A 23 -0.05 10.19 5.29
CA ASN A 23 0.77 10.48 4.08
C ASN A 23 1.68 11.68 4.37
N ARG A 24 1.17 12.71 5.05
CA ARG A 24 2.01 13.86 5.45
C ARG A 24 3.13 13.37 6.37
N LEU A 25 2.86 12.46 7.32
CA LEU A 25 3.94 11.97 8.22
C LEU A 25 4.96 11.19 7.38
N ARG A 26 4.51 10.43 6.39
CA ARG A 26 5.43 9.65 5.52
C ARG A 26 6.32 10.63 4.75
N SER A 27 5.73 11.72 4.25
CA SER A 27 6.43 12.79 3.49
C SER A 27 7.51 13.45 4.36
N ARG A 28 7.36 13.44 5.68
CA ARG A 28 8.34 14.04 6.59
C ARG A 28 9.15 12.97 7.29
N ASP A 29 8.97 11.71 6.90
CA ASP A 29 9.67 10.56 7.51
C ASP A 29 9.44 10.51 9.02
N ILE A 30 8.25 10.89 9.47
CA ILE A 30 7.93 10.84 10.93
C ILE A 30 7.31 9.49 11.27
N LEU A 31 8.02 8.75 12.12
CA LEU A 31 7.65 7.42 12.69
C LEU A 31 7.58 6.33 11.62
N THR A 32 8.11 6.57 10.42
CA THR A 32 8.37 5.48 9.46
C THR A 32 9.26 4.45 10.14
N ASP A 33 8.99 3.16 9.93
CA ASP A 33 9.73 2.10 10.66
C ASP A 33 10.19 1.00 9.71
N VAL A 34 10.13 1.23 8.40
CA VAL A 34 10.64 0.22 7.44
C VAL A 34 11.12 0.94 6.18
N VAL A 35 12.11 0.34 5.54
CA VAL A 35 12.56 0.72 4.18
C VAL A 35 12.26 -0.50 3.31
N ILE A 36 11.48 -0.28 2.27
CA ILE A 36 11.20 -1.28 1.21
C ILE A 36 12.19 -1.04 0.08
N VAL A 37 13.04 -2.04 -0.17
CA VAL A 37 14.10 -1.95 -1.21
C VAL A 37 13.53 -2.66 -2.44
N VAL A 38 13.54 -1.97 -3.58
CA VAL A 38 12.95 -2.47 -4.84
C VAL A 38 14.02 -2.23 -5.90
N SER A 39 14.86 -3.22 -6.13
CA SER A 39 16.01 -3.08 -7.06
C SER A 39 16.88 -1.89 -6.61
N ARG A 40 17.08 -0.85 -7.43
CA ARG A 40 18.07 0.23 -7.14
CA ARG A 40 18.07 0.24 -7.15
C ARG A 40 17.43 1.30 -6.24
N GLU A 41 16.14 1.16 -5.89
CA GLU A 41 15.35 2.23 -5.22
C GLU A 41 14.94 1.78 -3.81
N GLN A 42 14.69 2.75 -2.93
CA GLN A 42 14.29 2.54 -1.51
C GLN A 42 13.08 3.41 -1.21
N PHE A 43 12.09 2.90 -0.48
CA PHE A 43 10.89 3.65 -0.10
C PHE A 43 10.65 3.42 1.38
N ARG A 44 10.57 4.50 2.14
CA ARG A 44 10.27 4.41 3.60
C ARG A 44 8.75 4.41 3.76
N ALA A 45 8.25 3.73 4.79
CA ALA A 45 6.79 3.61 5.04
C ALA A 45 6.59 3.28 6.52
N HIS A 46 5.32 3.26 6.90
CA HIS A 46 4.78 2.80 8.18
C HIS A 46 4.28 1.36 7.98
N LYS A 47 4.89 0.41 8.67
CA LYS A 47 4.45 -1.01 8.62
C LYS A 47 2.96 -1.11 8.87
N THR A 48 2.36 -0.30 9.75
CA THR A 48 0.91 -0.39 10.01
C THR A 48 0.14 -0.15 8.71
N VAL A 49 0.53 0.84 7.92
CA VAL A 49 -0.21 1.20 6.68
C VAL A 49 0.01 0.09 5.63
N LEU A 50 1.24 -0.40 5.49
CA LEU A 50 1.54 -1.54 4.58
C LEU A 50 0.64 -2.73 4.90
N MET A 51 0.56 -3.08 6.19
CA MET A 51 -0.24 -4.25 6.66
C MET A 51 -1.73 -4.02 6.37
N ALA A 52 -2.22 -2.77 6.52
CA ALA A 52 -3.61 -2.40 6.28
C ALA A 52 -3.98 -2.55 4.81
N CYS A 53 -3.01 -2.47 3.89
CA CYS A 53 -3.28 -2.33 2.45
C CYS A 53 -2.85 -3.54 1.58
N SER A 54 -2.08 -4.46 2.13
CA SER A 54 -1.39 -5.52 1.35
C SER A 54 -1.44 -6.86 2.08
N GLY A 55 -1.87 -7.92 1.40
CA GLY A 55 -1.75 -9.27 1.95
C GLY A 55 -0.29 -9.66 2.16
N LEU A 56 0.63 -9.26 1.26
CA LEU A 56 2.04 -9.67 1.43
C LEU A 56 2.59 -9.03 2.73
N PHE A 57 2.43 -7.72 2.90
CA PHE A 57 3.00 -7.00 4.06
C PHE A 57 2.25 -7.44 5.33
N TYR A 58 0.96 -7.72 5.24
CA TYR A 58 0.18 -8.25 6.40
C TYR A 58 0.83 -9.54 6.89
N SER A 59 1.06 -10.45 5.95
CA SER A 59 1.55 -11.81 6.28
C SER A 59 2.98 -11.71 6.82
N ILE A 60 3.81 -10.81 6.28
CA ILE A 60 5.20 -10.66 6.75
C ILE A 60 5.16 -10.15 8.20
N PHE A 61 4.60 -8.97 8.43
CA PHE A 61 4.76 -8.25 9.73
C PHE A 61 3.85 -8.80 10.84
N THR A 62 2.78 -9.55 10.53
CA THR A 62 1.99 -10.24 11.58
C THR A 62 2.77 -11.37 12.25
N ASP A 63 3.70 -11.99 11.51
CA ASP A 63 4.63 -13.01 12.04
C ASP A 63 5.64 -12.35 12.99
N GLN A 64 5.67 -12.79 14.25
CA GLN A 64 6.59 -12.27 15.29
C GLN A 64 8.05 -12.51 14.83
N LEU A 65 8.30 -13.49 13.98
CA LEU A 65 9.64 -13.69 13.40
C LEU A 65 10.08 -12.47 12.57
N LYS A 66 9.18 -11.78 11.88
CA LYS A 66 9.55 -10.68 10.95
C LYS A 66 8.99 -9.31 11.38
N ARG A 67 8.26 -9.29 12.49
CA ARG A 67 7.49 -8.10 12.99
C ARG A 67 8.43 -6.89 13.07
N ASN A 68 9.67 -7.11 13.50
CA ASN A 68 10.64 -6.02 13.86
C ASN A 68 11.63 -5.72 12.72
N LEU A 69 11.51 -6.34 11.55
CA LEU A 69 12.43 -6.04 10.43
C LEU A 69 12.32 -4.54 10.09
N SER A 70 13.46 -3.90 9.84
CA SER A 70 13.53 -2.47 9.47
C SER A 70 13.76 -2.35 7.95
N VAL A 71 14.09 -3.45 7.28
CA VAL A 71 14.39 -3.48 5.81
C VAL A 71 13.68 -4.70 5.24
N ILE A 72 12.92 -4.50 4.17
CA ILE A 72 12.36 -5.60 3.34
C ILE A 72 12.90 -5.44 1.92
N ASN A 73 13.51 -6.50 1.40
CA ASN A 73 14.00 -6.56 0.00
C ASN A 73 12.91 -7.23 -0.79
N LEU A 74 12.25 -6.50 -1.67
CA LEU A 74 11.23 -7.10 -2.55
C LEU A 74 11.91 -7.97 -3.59
N ASP A 75 11.15 -8.91 -4.13
CA ASP A 75 11.57 -9.77 -5.28
CA ASP A 75 11.57 -9.76 -5.27
C ASP A 75 12.29 -8.91 -6.31
N PRO A 76 13.48 -9.31 -6.80
CA PRO A 76 14.25 -8.47 -7.73
C PRO A 76 13.60 -8.17 -9.10
N GLU A 77 12.54 -8.89 -9.46
CA GLU A 77 11.81 -8.65 -10.72
C GLU A 77 10.73 -7.59 -10.56
N ILE A 78 10.43 -7.13 -9.34
CA ILE A 78 9.38 -6.10 -9.15
C ILE A 78 9.88 -4.75 -9.72
N ASN A 79 9.01 -4.13 -10.51
CA ASN A 79 9.22 -2.83 -11.18
C ASN A 79 9.11 -1.77 -10.09
N PRO A 80 10.17 -0.98 -9.80
CA PRO A 80 10.06 0.06 -8.78
C PRO A 80 8.94 1.08 -9.10
N GLU A 81 8.72 1.40 -10.38
CA GLU A 81 7.63 2.36 -10.75
C GLU A 81 6.28 1.77 -10.32
N GLY A 82 6.05 0.48 -10.60
CA GLY A 82 4.86 -0.26 -10.17
C GLY A 82 4.68 -0.17 -8.67
N PHE A 83 5.74 -0.43 -7.92
CA PHE A 83 5.71 -0.40 -6.45
C PHE A 83 5.34 1.02 -5.98
N ASN A 84 6.02 2.03 -6.53
CA ASN A 84 5.83 3.46 -6.12
C ASN A 84 4.36 3.87 -6.34
N ILE A 85 3.76 3.49 -7.47
CA ILE A 85 2.34 3.79 -7.80
C ILE A 85 1.46 3.16 -6.73
N LEU A 86 1.80 1.95 -6.32
CA LEU A 86 0.92 1.23 -5.34
C LEU A 86 1.11 1.78 -3.94
N LEU A 87 2.35 2.13 -3.58
CA LEU A 87 2.60 2.79 -2.26
C LEU A 87 1.85 4.13 -2.19
N ASP A 88 1.93 4.95 -3.23
CA ASP A 88 1.10 6.18 -3.34
C ASP A 88 -0.37 5.83 -3.11
N PHE A 89 -0.87 4.82 -3.81
CA PHE A 89 -2.28 4.39 -3.68
C PHE A 89 -2.58 4.08 -2.22
N MET A 90 -1.70 3.32 -1.56
CA MET A 90 -1.97 2.88 -0.17
C MET A 90 -2.25 4.15 0.68
N TYR A 91 -1.48 5.20 0.46
CA TYR A 91 -1.52 6.43 1.30
C TYR A 91 -2.48 7.49 0.78
N THR A 92 -3.16 7.27 -0.36
CA THR A 92 -3.99 8.34 -0.98
C THR A 92 -5.39 7.88 -1.42
N SER A 93 -5.64 6.57 -1.58
CA SER A 93 -6.87 6.02 -2.21
C SER A 93 -6.95 6.35 -3.70
N ARG A 94 -5.89 6.85 -4.32
N ARG A 94 -5.89 6.88 -4.30
CA ARG A 94 -5.85 7.27 -5.74
CA ARG A 94 -5.83 7.25 -5.74
C ARG A 94 -4.82 6.42 -6.48
C ARG A 94 -4.83 6.33 -6.43
N LEU A 95 -5.24 5.73 -7.54
CA LEU A 95 -4.42 4.73 -8.26
C LEU A 95 -4.16 5.31 -9.65
N ASN A 96 -2.90 5.50 -9.95
CA ASN A 96 -2.45 6.03 -11.22
C ASN A 96 -2.25 4.92 -12.24
N LEU A 97 -3.33 4.47 -12.88
CA LEU A 97 -3.27 3.48 -14.00
C LEU A 97 -3.24 4.19 -15.35
N ARG A 98 -2.25 3.84 -16.18
CA ARG A 98 -2.07 4.40 -17.54
C ARG A 98 -1.70 3.26 -18.47
N GLU A 99 -1.95 3.42 -19.77
CA GLU A 99 -1.66 2.36 -20.76
C GLU A 99 -0.19 1.97 -20.61
N GLY A 100 0.65 2.95 -20.31
CA GLY A 100 2.10 2.78 -20.20
C GLY A 100 2.52 1.98 -18.99
N ASN A 101 1.68 1.87 -17.95
CA ASN A 101 2.11 1.29 -16.65
C ASN A 101 1.19 0.15 -16.16
N ILE A 102 0.11 -0.18 -16.89
CA ILE A 102 -0.94 -1.10 -16.35
C ILE A 102 -0.35 -2.47 -16.03
N MET A 103 0.47 -3.03 -16.92
CA MET A 103 1.00 -4.40 -16.74
C MET A 103 1.95 -4.43 -15.55
N ALA A 104 2.80 -3.39 -15.39
CA ALA A 104 3.72 -3.29 -14.23
C ALA A 104 2.91 -3.19 -12.96
N VAL A 105 1.91 -2.29 -12.94
CA VAL A 105 1.08 -2.06 -11.75
C VAL A 105 0.33 -3.36 -11.40
N MET A 106 -0.25 -4.03 -12.38
CA MET A 106 -1.07 -5.24 -12.12
C MET A 106 -0.17 -6.36 -11.55
N ALA A 107 0.96 -6.65 -12.21
CA ALA A 107 1.96 -7.65 -11.76
C ALA A 107 2.41 -7.31 -10.34
N THR A 108 2.64 -6.03 -10.02
CA THR A 108 3.10 -5.68 -8.67
C THR A 108 1.97 -5.91 -7.66
N ALA A 109 0.73 -5.50 -7.98
CA ALA A 109 -0.43 -5.68 -7.09
C ALA A 109 -0.67 -7.18 -6.86
N MET A 110 -0.41 -8.05 -7.83
CA MET A 110 -0.55 -9.52 -7.63
C MET A 110 0.45 -9.97 -6.55
N TYR A 111 1.70 -9.51 -6.66
CA TYR A 111 2.79 -9.85 -5.73
C TYR A 111 2.48 -9.31 -4.33
N LEU A 112 1.94 -8.08 -4.25
CA LEU A 112 1.62 -7.45 -2.94
C LEU A 112 0.34 -8.03 -2.34
N GLN A 113 -0.39 -8.85 -3.07
CA GLN A 113 -1.67 -9.47 -2.64
C GLN A 113 -2.67 -8.34 -2.34
N MET A 114 -2.93 -7.49 -3.33
CA MET A 114 -3.92 -6.41 -3.27
C MET A 114 -5.04 -6.75 -4.28
N GLU A 115 -5.97 -7.63 -3.87
CA GLU A 115 -6.91 -8.30 -4.81
CA GLU A 115 -6.96 -8.29 -4.75
C GLU A 115 -7.87 -7.26 -5.44
N HIS A 116 -8.36 -6.29 -4.69
CA HIS A 116 -9.30 -5.27 -5.23
C HIS A 116 -8.57 -4.42 -6.29
N VAL A 117 -7.31 -4.07 -6.08
CA VAL A 117 -6.51 -3.33 -7.11
C VAL A 117 -6.28 -4.23 -8.33
N VAL A 118 -5.89 -5.50 -8.15
CA VAL A 118 -5.73 -6.42 -9.31
C VAL A 118 -7.04 -6.46 -10.12
N ASP A 119 -8.19 -6.60 -9.45
CA ASP A 119 -9.53 -6.62 -10.13
C ASP A 119 -9.72 -5.33 -10.94
N THR A 120 -9.34 -4.19 -10.36
CA THR A 120 -9.49 -2.86 -11.01
C THR A 120 -8.59 -2.84 -12.24
N CYS A 121 -7.38 -3.37 -12.11
CA CYS A 121 -6.43 -3.47 -13.26
C CYS A 121 -7.10 -4.30 -14.38
N ARG A 122 -7.76 -5.42 -14.04
CA ARG A 122 -8.47 -6.29 -15.03
C ARG A 122 -9.60 -5.47 -15.69
N LYS A 123 -10.29 -4.62 -14.93
CA LYS A 123 -11.34 -3.71 -15.47
C LYS A 123 -10.73 -2.70 -16.47
N PHE A 124 -9.57 -2.13 -16.15
CA PHE A 124 -8.84 -1.15 -17.00
C PHE A 124 -8.43 -1.80 -18.33
N ILE A 125 -7.99 -3.04 -18.26
CA ILE A 125 -7.58 -3.80 -19.47
C ILE A 125 -8.83 -4.01 -20.35
N LYS A 126 -9.93 -4.43 -19.73
CA LYS A 126 -11.22 -4.67 -20.42
C LYS A 126 -11.68 -3.36 -21.09
N ALA A 127 -11.36 -2.18 -20.52
CA ALA A 127 -11.81 -0.86 -21.03
C ALA A 127 -10.85 -0.33 -22.11
N SER A 128 -9.60 -0.78 -22.17
CA SER A 128 -8.66 -0.59 -23.30
C SER A 128 -8.49 -1.91 -24.06
#